data_9HQ0
#
_entry.id   9HQ0
#
_cell.length_a   33.235
_cell.length_b   86.102
_cell.length_c   116.649
_cell.angle_alpha   90.000
_cell.angle_beta   90.000
_cell.angle_gamma   90.000
#
_symmetry.space_group_name_H-M   'P 2 21 21'
#
loop_
_entity.id
_entity.type
_entity.pdbx_description
1 polymer 'NAD(+) hydrolase SARM1'
2 non-polymer '[[(2~{R},3~{S},4~{R},5~{R})-5-(6-aminopurin-9-yl)-3,4-bis(oxidanyl)oxolan-2-yl]methoxy-oxidanyl-phosphoryl] [(2~{R},3~{S},4~{R},5~{R})-5-[4-[(1~{S})-1-[[(3~{R})-4,4-bis(fluoranyl)oxolan-3-yl]carbamoyl-methyl-amino]ethyl]pyridin-1-yl]-3,4-bis(oxidanyl)oxolan-2-yl]methyl hydrogen phosphate'
3 non-polymer 1,2-ETHANEDIOL
4 water water
#
_entity_poly.entity_id   1
_entity_poly.type   'polypeptide(L)'
_entity_poly.pdbx_seq_one_letter_code
;GGSSGSGDTPDVFISYRRNSGSQLASLLKVHLQLHGFSVFIDVEKLEAGKFEDKLIQSVMGARNFVLVLSPGALDKCMQD
HDCKDWVHKEIVTALSCGKNIVPIIDGFEWPEPQVLPEDMQAVLTFNGIKWSHEYQEATIEKIIRFLQ
;
_entity_poly.pdbx_strand_id   A,B
#
# COMPACT_ATOMS: atom_id res chain seq x y z
N THR A 9 -23.78 -9.72 -1.26
CA THR A 9 -23.34 -9.03 -2.47
C THR A 9 -22.65 -7.67 -2.15
N PRO A 10 -21.36 -7.57 -2.47
CA PRO A 10 -20.57 -6.40 -2.06
C PRO A 10 -21.07 -5.08 -2.62
N ASP A 11 -20.94 -4.03 -1.79
CA ASP A 11 -21.25 -2.65 -2.18
C ASP A 11 -20.20 -2.03 -3.10
N VAL A 12 -18.94 -2.46 -2.99
CA VAL A 12 -17.79 -1.80 -3.61
C VAL A 12 -16.93 -2.89 -4.25
N PHE A 13 -16.53 -2.68 -5.50
CA PHE A 13 -15.59 -3.56 -6.20
C PHE A 13 -14.30 -2.78 -6.41
N ILE A 14 -13.19 -3.33 -5.96
CA ILE A 14 -11.89 -2.68 -6.09
C ILE A 14 -11.12 -3.33 -7.22
N SER A 15 -10.83 -2.56 -8.25
CA SER A 15 -10.09 -3.01 -9.41
C SER A 15 -8.71 -2.35 -9.41
N TYR A 16 -7.67 -3.13 -9.70
CA TYR A 16 -6.32 -2.64 -9.47
C TYR A 16 -5.33 -3.48 -10.27
N ARG A 17 -4.13 -2.95 -10.42
CA ARG A 17 -3.04 -3.58 -11.15
C ARG A 17 -2.06 -4.12 -10.12
N ARG A 18 -1.88 -5.45 -10.07
CA ARG A 18 -1.12 -6.06 -9.00
C ARG A 18 0.28 -5.47 -8.88
N ASN A 19 1.01 -5.40 -10.01
CA ASN A 19 2.42 -5.03 -9.92
C ASN A 19 2.64 -3.63 -9.37
N SER A 20 1.60 -2.79 -9.31
CA SER A 20 1.81 -1.42 -8.86
C SER A 20 0.76 -0.87 -7.90
N GLY A 21 -0.38 -1.54 -7.68
CA GLY A 21 -1.41 -0.98 -6.81
C GLY A 21 -1.96 -1.92 -5.76
N SER A 22 -1.32 -3.08 -5.57
N SER A 22 -1.30 -3.07 -5.53
CA SER A 22 -1.80 -4.06 -4.61
CA SER A 22 -1.85 -4.07 -4.61
C SER A 22 -1.92 -3.45 -3.22
C SER A 22 -1.84 -3.58 -3.17
N GLN A 23 -0.86 -2.76 -2.78
CA GLN A 23 -0.84 -2.24 -1.42
CA GLN A 23 -0.83 -2.24 -1.42
C GLN A 23 -1.93 -1.18 -1.22
N LEU A 24 -2.02 -0.22 -2.13
CA LEU A 24 -3.07 0.80 -2.00
C LEU A 24 -4.45 0.15 -2.07
N ALA A 25 -4.63 -0.82 -2.97
CA ALA A 25 -5.94 -1.49 -3.08
C ALA A 25 -6.32 -2.16 -1.77
N SER A 26 -5.36 -2.81 -1.09
CA SER A 26 -5.68 -3.44 0.20
C SER A 26 -5.92 -2.40 1.29
N LEU A 27 -5.11 -1.34 1.29
CA LEU A 27 -5.33 -0.19 2.17
C LEU A 27 -6.73 0.39 1.99
N LEU A 28 -7.17 0.59 0.74
CA LEU A 28 -8.54 1.02 0.50
C LEU A 28 -9.55 0.02 1.06
N LYS A 29 -9.30 -1.29 0.92
CA LYS A 29 -10.27 -2.26 1.40
C LYS A 29 -10.46 -2.13 2.91
N VAL A 30 -9.35 -2.05 3.66
CA VAL A 30 -9.44 -1.96 5.11
C VAL A 30 -10.27 -0.73 5.52
N HIS A 31 -9.94 0.44 4.97
CA HIS A 31 -10.62 1.66 5.38
C HIS A 31 -12.11 1.60 5.06
N LEU A 32 -12.47 1.10 3.88
CA LEU A 32 -13.88 1.08 3.50
C LEU A 32 -14.67 0.13 4.39
N GLN A 33 -14.11 -1.05 4.67
CA GLN A 33 -14.76 -1.96 5.62
C GLN A 33 -14.91 -1.34 7.00
N LEU A 34 -13.88 -0.63 7.48
CA LEU A 34 -13.99 0.03 8.79
C LEU A 34 -15.11 1.06 8.80
N HIS A 35 -15.45 1.62 7.64
CA HIS A 35 -16.55 2.57 7.56
C HIS A 35 -17.86 1.92 7.13
N GLY A 36 -17.93 0.59 7.14
CA GLY A 36 -19.18 -0.13 6.97
C GLY A 36 -19.58 -0.50 5.56
N PHE A 37 -18.68 -0.42 4.59
CA PHE A 37 -18.97 -0.90 3.24
C PHE A 37 -18.51 -2.33 3.08
N SER A 38 -19.32 -3.13 2.38
N SER A 38 -19.31 -3.13 2.37
CA SER A 38 -18.90 -4.45 1.95
CA SER A 38 -18.88 -4.45 1.97
C SER A 38 -18.05 -4.30 0.70
C SER A 38 -18.06 -4.34 0.69
N VAL A 39 -16.87 -4.94 0.69
CA VAL A 39 -15.87 -4.71 -0.33
C VAL A 39 -15.48 -6.02 -0.98
N PHE A 40 -15.45 -6.03 -2.31
CA PHE A 40 -14.84 -7.09 -3.09
C PHE A 40 -13.45 -6.67 -3.52
N ILE A 41 -12.46 -7.44 -3.10
CA ILE A 41 -11.13 -7.43 -3.69
C ILE A 41 -10.75 -8.90 -3.89
N ASP A 42 -10.08 -9.19 -5.01
CA ASP A 42 -9.87 -10.58 -5.41
C ASP A 42 -9.25 -11.42 -4.30
N VAL A 43 -8.22 -10.89 -3.60
CA VAL A 43 -7.51 -11.74 -2.64
C VAL A 43 -8.36 -12.09 -1.43
N GLU A 44 -9.43 -11.35 -1.18
CA GLU A 44 -10.28 -11.69 -0.05
C GLU A 44 -11.58 -12.37 -0.48
N LYS A 45 -12.02 -12.20 -1.72
CA LYS A 45 -13.37 -12.60 -2.09
C LYS A 45 -13.47 -13.49 -3.33
N LEU A 46 -12.43 -13.59 -4.15
CA LEU A 46 -12.45 -14.47 -5.31
C LEU A 46 -12.13 -15.89 -4.87
N GLU A 47 -13.14 -16.74 -4.89
CA GLU A 47 -13.08 -18.08 -4.30
C GLU A 47 -13.17 -19.13 -5.41
N ALA A 48 -13.91 -20.22 -5.25
CA ALA A 48 -13.82 -21.38 -6.15
C ALA A 48 -14.57 -21.15 -7.46
N GLY A 49 -14.16 -21.89 -8.48
CA GLY A 49 -14.86 -21.89 -9.76
C GLY A 49 -14.07 -21.20 -10.86
N LYS A 50 -14.70 -21.11 -12.03
CA LYS A 50 -14.08 -20.41 -13.16
C LYS A 50 -14.05 -18.90 -12.88
N PHE A 51 -12.85 -18.33 -12.80
CA PHE A 51 -12.73 -17.00 -12.25
C PHE A 51 -13.24 -15.94 -13.22
N GLU A 52 -13.17 -16.18 -14.53
CA GLU A 52 -13.66 -15.18 -15.47
C GLU A 52 -15.11 -14.82 -15.18
N ASP A 53 -15.95 -15.83 -14.94
CA ASP A 53 -17.37 -15.59 -14.66
C ASP A 53 -17.56 -14.92 -13.32
N LYS A 54 -16.89 -15.42 -12.28
CA LYS A 54 -17.05 -14.87 -10.94
C LYS A 54 -16.62 -13.41 -10.88
N LEU A 55 -15.51 -13.07 -11.54
CA LEU A 55 -15.03 -11.69 -11.52
C LEU A 55 -16.02 -10.74 -12.20
N ILE A 56 -16.44 -11.08 -13.42
CA ILE A 56 -17.43 -10.27 -14.13
C ILE A 56 -18.69 -10.12 -13.30
N GLN A 57 -19.19 -11.22 -12.73
CA GLN A 57 -20.40 -11.13 -11.91
C GLN A 57 -20.19 -10.26 -10.70
N SER A 58 -18.97 -10.28 -10.12
CA SER A 58 -18.70 -9.44 -8.96
C SER A 58 -18.73 -7.96 -9.33
N VAL A 59 -18.27 -7.59 -10.54
CA VAL A 59 -18.36 -6.21 -10.97
C VAL A 59 -19.82 -5.82 -11.21
N MET A 60 -20.56 -6.68 -11.92
CA MET A 60 -21.98 -6.45 -12.16
C MET A 60 -22.78 -6.31 -10.88
N GLY A 61 -22.36 -7.00 -9.82
CA GLY A 61 -23.08 -6.96 -8.57
C GLY A 61 -22.77 -5.79 -7.66
N ALA A 62 -21.71 -5.04 -7.91
CA ALA A 62 -21.29 -3.99 -6.99
C ALA A 62 -21.77 -2.62 -7.44
N ARG A 63 -22.43 -1.89 -6.54
CA ARG A 63 -22.91 -0.55 -6.85
C ARG A 63 -21.77 0.38 -7.23
N ASN A 64 -20.68 0.32 -6.47
CA ASN A 64 -19.54 1.20 -6.61
C ASN A 64 -18.36 0.45 -7.21
N PHE A 65 -17.63 1.10 -8.09
CA PHE A 65 -16.48 0.50 -8.76
C PHE A 65 -15.29 1.43 -8.50
N VAL A 66 -14.41 1.01 -7.59
CA VAL A 66 -13.27 1.81 -7.18
C VAL A 66 -12.07 1.36 -8.01
N LEU A 67 -11.50 2.29 -8.77
CA LEU A 67 -10.47 1.98 -9.76
C LEU A 67 -9.18 2.63 -9.31
N VAL A 68 -8.20 1.81 -8.96
CA VAL A 68 -6.94 2.28 -8.39
C VAL A 68 -5.99 2.60 -9.54
N LEU A 69 -5.85 3.89 -9.88
CA LEU A 69 -4.93 4.32 -10.93
C LEU A 69 -3.56 4.61 -10.33
N SER A 70 -2.78 3.54 -10.13
CA SER A 70 -1.36 3.66 -9.81
C SER A 70 -0.60 3.94 -11.11
N PRO A 71 0.71 4.23 -11.03
CA PRO A 71 1.45 4.58 -12.24
C PRO A 71 1.41 3.46 -13.28
N GLY A 72 1.07 3.82 -14.51
CA GLY A 72 1.05 2.86 -15.57
C GLY A 72 -0.04 1.82 -15.47
N ALA A 73 -1.06 2.05 -14.63
CA ALA A 73 -2.07 1.02 -14.35
C ALA A 73 -2.90 0.68 -15.57
N LEU A 74 -3.08 1.60 -16.52
CA LEU A 74 -3.84 1.29 -17.72
C LEU A 74 -2.95 0.90 -18.90
N ASP A 75 -1.63 0.72 -18.67
CA ASP A 75 -0.71 0.49 -19.79
C ASP A 75 -1.03 -0.82 -20.50
N LYS A 76 -1.30 -1.90 -19.74
CA LYS A 76 -1.64 -3.18 -20.35
C LYS A 76 -3.03 -3.19 -20.98
N CYS A 77 -3.85 -2.16 -20.73
CA CYS A 77 -5.10 -2.03 -21.47
C CYS A 77 -4.84 -1.57 -22.90
N MET A 78 -3.74 -0.85 -23.13
CA MET A 78 -3.51 -0.22 -24.44
C MET A 78 -3.28 -1.27 -25.51
N GLN A 79 -4.05 -1.17 -26.61
CA GLN A 79 -4.04 -2.08 -27.76
C GLN A 79 -4.60 -3.45 -27.44
N ASP A 80 -5.18 -3.62 -26.26
CA ASP A 80 -5.79 -4.89 -25.87
C ASP A 80 -7.15 -5.00 -26.56
N HIS A 81 -7.11 -5.25 -27.86
CA HIS A 81 -8.37 -5.06 -28.57
C HIS A 81 -9.20 -6.33 -28.66
N ASP A 82 -8.62 -7.48 -28.29
CA ASP A 82 -9.41 -8.66 -27.97
C ASP A 82 -9.96 -8.62 -26.54
N CYS A 83 -9.59 -7.62 -25.74
CA CYS A 83 -10.07 -7.46 -24.36
C CYS A 83 -9.68 -8.66 -23.49
N LYS A 84 -8.37 -8.98 -23.50
CA LYS A 84 -7.84 -10.06 -22.68
C LYS A 84 -7.22 -9.59 -21.38
N ASP A 85 -6.97 -8.29 -21.24
CA ASP A 85 -6.41 -7.74 -20.02
C ASP A 85 -7.50 -7.60 -18.97
N TRP A 86 -7.18 -7.98 -17.72
CA TRP A 86 -8.25 -8.08 -16.73
C TRP A 86 -8.74 -6.72 -16.21
N VAL A 87 -7.87 -5.72 -16.05
CA VAL A 87 -8.35 -4.39 -15.70
C VAL A 87 -9.26 -3.86 -16.80
N HIS A 88 -8.83 -4.02 -18.06
CA HIS A 88 -9.68 -3.64 -19.19
C HIS A 88 -11.06 -4.29 -19.11
N LYS A 89 -11.11 -5.61 -18.90
CA LYS A 89 -12.39 -6.32 -18.78
C LYS A 89 -13.25 -5.78 -17.64
N GLU A 90 -12.63 -5.52 -16.49
CA GLU A 90 -13.38 -5.00 -15.34
C GLU A 90 -13.94 -3.60 -15.61
N ILE A 91 -13.15 -2.73 -16.26
CA ILE A 91 -13.61 -1.37 -16.54
C ILE A 91 -14.77 -1.39 -17.51
N VAL A 92 -14.64 -2.14 -18.61
CA VAL A 92 -15.71 -2.23 -19.61
C VAL A 92 -17.00 -2.75 -18.97
N THR A 93 -16.88 -3.72 -18.05
CA THR A 93 -18.07 -4.22 -17.37
C THR A 93 -18.70 -3.14 -16.50
N ALA A 94 -17.87 -2.40 -15.74
CA ALA A 94 -18.39 -1.32 -14.91
C ALA A 94 -19.04 -0.24 -15.77
N LEU A 95 -18.38 0.11 -16.88
CA LEU A 95 -18.96 1.08 -17.79
C LEU A 95 -20.29 0.58 -18.37
N SER A 96 -20.31 -0.68 -18.83
N SER A 96 -20.33 -0.67 -18.83
CA SER A 96 -21.50 -1.22 -19.50
CA SER A 96 -21.54 -1.13 -19.51
C SER A 96 -22.70 -1.33 -18.56
C SER A 96 -22.72 -1.24 -18.54
N CYS A 97 -22.44 -1.47 -17.26
CA CYS A 97 -23.52 -1.55 -16.26
C CYS A 97 -23.83 -0.21 -15.63
N GLY A 98 -23.22 0.87 -16.11
CA GLY A 98 -23.44 2.18 -15.50
C GLY A 98 -23.15 2.26 -14.02
N LYS A 99 -22.07 1.62 -13.56
CA LYS A 99 -21.72 1.71 -12.14
C LYS A 99 -21.20 3.10 -11.78
N ASN A 100 -21.24 3.39 -10.48
CA ASN A 100 -20.62 4.60 -9.94
C ASN A 100 -19.12 4.35 -9.90
N ILE A 101 -18.39 4.80 -10.94
CA ILE A 101 -16.95 4.60 -11.05
C ILE A 101 -16.22 5.72 -10.29
N VAL A 102 -15.30 5.32 -9.41
CA VAL A 102 -14.53 6.23 -8.56
C VAL A 102 -13.04 5.96 -8.76
N PRO A 103 -12.40 6.66 -9.70
CA PRO A 103 -10.95 6.49 -9.89
C PRO A 103 -10.18 7.12 -8.72
N ILE A 104 -9.21 6.37 -8.21
CA ILE A 104 -8.29 6.85 -7.16
C ILE A 104 -6.93 7.04 -7.81
N ILE A 105 -6.47 8.29 -7.88
CA ILE A 105 -5.27 8.67 -8.61
C ILE A 105 -4.06 8.61 -7.68
N ASP A 106 -3.07 7.77 -8.00
CA ASP A 106 -1.85 7.69 -7.19
C ASP A 106 -0.62 7.71 -8.08
N GLY A 107 -0.15 8.91 -8.44
CA GLY A 107 0.96 9.03 -9.36
C GLY A 107 0.62 8.65 -10.79
N PHE A 108 -0.67 8.54 -11.10
CA PHE A 108 -1.13 8.23 -12.44
C PHE A 108 -1.00 9.46 -13.33
N GLU A 109 -0.57 9.24 -14.57
CA GLU A 109 -0.49 10.29 -15.57
C GLU A 109 -1.63 10.13 -16.54
N TRP A 110 -2.38 11.19 -16.77
CA TRP A 110 -3.58 11.08 -17.57
C TRP A 110 -3.22 10.86 -19.04
N PRO A 111 -3.65 9.76 -19.65
CA PRO A 111 -3.30 9.54 -21.07
C PRO A 111 -4.27 10.27 -22.01
N GLU A 112 -3.85 10.33 -23.27
CA GLU A 112 -4.72 10.78 -24.33
C GLU A 112 -5.77 9.71 -24.61
N PRO A 113 -7.04 10.09 -24.79
CA PRO A 113 -8.09 9.06 -24.93
C PRO A 113 -7.79 8.08 -26.05
N GLN A 114 -7.21 8.54 -27.14
CA GLN A 114 -7.02 7.67 -28.29
C GLN A 114 -5.99 6.58 -28.05
N VAL A 115 -5.22 6.64 -26.95
CA VAL A 115 -4.28 5.55 -26.68
C VAL A 115 -4.95 4.35 -26.03
N LEU A 116 -6.24 4.51 -25.56
CA LEU A 116 -7.05 3.51 -24.88
C LEU A 116 -8.10 2.93 -25.83
N PRO A 117 -8.48 1.67 -25.62
CA PRO A 117 -9.51 1.06 -26.48
C PRO A 117 -10.83 1.82 -26.36
N GLU A 118 -11.54 1.93 -27.49
CA GLU A 118 -12.75 2.72 -27.53
C GLU A 118 -13.74 2.30 -26.45
N ASP A 119 -13.83 0.99 -26.17
CA ASP A 119 -14.85 0.57 -25.22
C ASP A 119 -14.51 0.94 -23.78
N MET A 120 -13.35 1.57 -23.48
CA MET A 120 -13.09 2.03 -22.14
C MET A 120 -12.64 3.49 -22.05
N GLN A 121 -12.59 4.21 -23.16
CA GLN A 121 -12.17 5.61 -23.11
C GLN A 121 -13.03 6.44 -22.17
N ALA A 122 -14.30 6.10 -21.99
CA ALA A 122 -15.16 6.89 -21.13
C ALA A 122 -14.74 6.84 -19.66
N VAL A 123 -13.79 6.00 -19.28
CA VAL A 123 -13.42 5.94 -17.88
C VAL A 123 -12.72 7.23 -17.45
N LEU A 124 -12.09 7.93 -18.40
CA LEU A 124 -11.42 9.19 -18.08
C LEU A 124 -12.38 10.34 -17.87
N THR A 125 -13.67 10.16 -18.16
CA THR A 125 -14.64 11.23 -17.96
C THR A 125 -15.23 11.24 -16.56
N PHE A 126 -14.83 10.31 -15.68
CA PHE A 126 -15.31 10.28 -14.31
C PHE A 126 -14.37 11.05 -13.40
N ASN A 127 -14.94 11.78 -12.44
CA ASN A 127 -14.12 12.55 -11.52
C ASN A 127 -13.26 11.62 -10.65
N GLY A 128 -11.94 11.86 -10.62
CA GLY A 128 -11.03 11.08 -9.80
C GLY A 128 -10.62 11.76 -8.50
N ILE A 129 -10.20 10.95 -7.53
CA ILE A 129 -9.76 11.43 -6.22
C ILE A 129 -8.25 11.22 -6.13
N LYS A 130 -7.55 12.26 -5.69
CA LYS A 130 -6.09 12.19 -5.56
C LYS A 130 -5.75 11.48 -4.26
N TRP A 131 -4.98 10.40 -4.31
CA TRP A 131 -4.51 9.80 -3.08
C TRP A 131 -3.43 10.70 -2.47
N SER A 132 -3.67 11.21 -1.27
CA SER A 132 -2.70 12.07 -0.57
C SER A 132 -2.03 11.26 0.53
N HIS A 133 -0.74 10.97 0.36
CA HIS A 133 0.01 10.24 1.37
C HIS A 133 0.06 10.99 2.70
N GLU A 134 0.08 12.34 2.66
CA GLU A 134 0.16 13.20 3.83
CA GLU A 134 0.17 13.07 3.90
C GLU A 134 -1.18 13.42 4.50
N TYR A 135 -2.29 13.29 3.74
CA TYR A 135 -3.64 13.53 4.29
C TYR A 135 -4.54 12.33 3.93
N GLN A 136 -4.15 11.14 4.41
CA GLN A 136 -4.85 9.92 4.01
C GLN A 136 -6.26 9.88 4.56
N GLU A 137 -6.45 10.24 5.84
CA GLU A 137 -7.79 10.22 6.41
C GLU A 137 -8.73 11.15 5.64
N ALA A 138 -8.26 12.35 5.29
CA ALA A 138 -9.07 13.25 4.48
C ALA A 138 -9.38 12.62 3.12
N THR A 139 -8.40 11.92 2.55
CA THR A 139 -8.64 11.20 1.30
C THR A 139 -9.75 10.16 1.46
N ILE A 140 -9.70 9.39 2.54
CA ILE A 140 -10.71 8.35 2.76
C ILE A 140 -12.10 8.97 2.90
N GLU A 141 -12.20 10.06 3.65
CA GLU A 141 -13.51 10.65 3.87
C GLU A 141 -14.10 11.14 2.57
N LYS A 142 -13.26 11.68 1.67
CA LYS A 142 -13.74 12.10 0.36
C LYS A 142 -14.23 10.91 -0.45
N ILE A 143 -13.49 9.80 -0.43
CA ILE A 143 -13.93 8.59 -1.14
C ILE A 143 -15.31 8.16 -0.66
N ILE A 144 -15.55 8.24 0.65
CA ILE A 144 -16.83 7.80 1.19
C ILE A 144 -17.95 8.72 0.74
N ARG A 145 -17.66 10.02 0.61
CA ARG A 145 -18.63 10.93 0.01
C ARG A 145 -18.97 10.53 -1.42
N PHE A 146 -17.99 10.05 -2.19
CA PHE A 146 -18.24 9.64 -3.57
C PHE A 146 -19.09 8.38 -3.66
N LEU A 147 -19.01 7.50 -2.66
CA LEU A 147 -19.69 6.21 -2.70
C LEU A 147 -21.18 6.33 -2.43
N GLN A 148 -21.94 5.40 -3.02
CA GLN A 148 -23.38 5.25 -2.77
C GLN A 148 -23.73 4.09 -1.80
N THR B 9 3.93 8.22 23.96
CA THR B 9 5.09 7.40 23.58
C THR B 9 4.69 6.12 22.81
N PRO B 10 4.77 6.18 21.47
CA PRO B 10 4.37 5.02 20.66
C PRO B 10 5.24 3.79 20.92
N ASP B 11 4.60 2.60 20.86
CA ASP B 11 5.28 1.32 21.00
C ASP B 11 5.99 0.87 19.72
N VAL B 12 5.58 1.38 18.56
CA VAL B 12 6.02 0.86 17.26
C VAL B 12 6.46 2.02 16.39
N PHE B 13 7.70 1.96 15.88
CA PHE B 13 8.20 2.91 14.90
C PHE B 13 8.29 2.22 13.54
N ILE B 14 7.65 2.80 12.53
CA ILE B 14 7.68 2.25 11.17
C ILE B 14 8.65 3.06 10.32
N SER B 15 9.75 2.41 9.91
CA SER B 15 10.76 2.95 9.01
C SER B 15 10.58 2.38 7.60
N TYR B 16 10.67 3.26 6.59
CA TYR B 16 10.23 2.84 5.26
C TYR B 16 10.75 3.81 4.20
N ARG B 17 10.81 3.33 2.97
CA ARG B 17 11.26 4.11 1.84
C ARG B 17 10.02 4.64 1.12
N ARG B 18 9.92 5.98 0.98
CA ARG B 18 8.68 6.58 0.46
C ARG B 18 8.35 6.08 -0.94
N ASN B 19 9.32 6.14 -1.86
CA ASN B 19 9.00 5.85 -3.26
C ASN B 19 8.59 4.40 -3.50
N SER B 20 8.84 3.49 -2.57
CA SER B 20 8.43 2.10 -2.77
C SER B 20 7.65 1.46 -1.62
N GLY B 21 7.56 2.09 -0.46
CA GLY B 21 6.99 1.39 0.68
C GLY B 21 5.91 2.16 1.40
N SER B 22 5.57 3.36 0.90
N SER B 22 5.55 3.35 0.89
CA SER B 22 4.59 4.21 1.57
CA SER B 22 4.61 4.21 1.58
C SER B 22 3.27 3.48 1.81
C SER B 22 3.25 3.53 1.79
N GLN B 23 2.77 2.79 0.77
CA GLN B 23 1.47 2.15 0.88
CA GLN B 23 1.46 2.15 0.89
C GLN B 23 1.50 1.01 1.89
N LEU B 24 2.51 0.14 1.82
CA LEU B 24 2.62 -0.94 2.79
C LEU B 24 2.86 -0.39 4.20
N ALA B 25 3.70 0.65 4.34
CA ALA B 25 3.90 1.27 5.64
C ALA B 25 2.59 1.77 6.23
N SER B 26 1.75 2.39 5.40
CA SER B 26 0.51 2.91 5.95
C SER B 26 -0.46 1.79 6.27
N LEU B 27 -0.43 0.72 5.47
CA LEU B 27 -1.27 -0.43 5.73
C LEU B 27 -0.87 -1.12 7.02
N LEU B 28 0.45 -1.18 7.29
CA LEU B 28 0.91 -1.72 8.57
C LEU B 28 0.41 -0.87 9.72
N LYS B 29 0.44 0.46 9.55
CA LYS B 29 0.01 1.36 10.63
C LYS B 29 -1.43 1.09 11.00
N VAL B 30 -2.30 0.96 9.98
CA VAL B 30 -3.72 0.81 10.26
C VAL B 30 -3.99 -0.50 10.99
N HIS B 31 -3.35 -1.59 10.56
CA HIS B 31 -3.56 -2.88 11.20
C HIS B 31 -3.03 -2.91 12.63
N LEU B 32 -1.85 -2.32 12.86
CA LEU B 32 -1.29 -2.33 14.20
C LEU B 32 -2.14 -1.50 15.15
N GLN B 33 -2.66 -0.38 14.66
CA GLN B 33 -3.54 0.42 15.49
C GLN B 33 -4.81 -0.34 15.83
N LEU B 34 -5.38 -1.05 14.85
CA LEU B 34 -6.58 -1.84 15.13
C LEU B 34 -6.31 -2.89 16.20
N HIS B 35 -5.08 -3.36 16.34
CA HIS B 35 -4.77 -4.35 17.37
C HIS B 35 -4.21 -3.71 18.63
N GLY B 36 -4.30 -2.39 18.75
CA GLY B 36 -4.02 -1.74 20.02
C GLY B 36 -2.64 -1.18 20.19
N PHE B 37 -1.82 -1.11 19.15
CA PHE B 37 -0.50 -0.55 19.32
C PHE B 37 -0.53 0.94 19.01
N SER B 38 0.26 1.69 19.76
CA SER B 38 0.54 3.08 19.40
CA SER B 38 0.55 3.07 19.40
C SER B 38 1.68 3.07 18.37
N VAL B 39 1.42 3.66 17.20
CA VAL B 39 2.37 3.60 16.10
C VAL B 39 2.86 5.00 15.78
N PHE B 40 4.17 5.11 15.56
CA PHE B 40 4.76 6.27 14.91
C PHE B 40 5.04 5.94 13.45
N ILE B 41 4.40 6.69 12.54
CA ILE B 41 4.84 6.82 11.16
C ILE B 41 4.88 8.32 10.89
N ASP B 42 5.84 8.74 10.05
CA ASP B 42 6.15 10.16 9.96
C ASP B 42 4.93 11.01 9.56
N VAL B 43 4.17 10.57 8.56
CA VAL B 43 3.07 11.41 8.07
C VAL B 43 1.95 11.60 9.08
N GLU B 44 1.86 10.77 10.12
CA GLU B 44 0.85 10.99 11.15
C GLU B 44 1.39 11.63 12.41
N LYS B 45 2.68 11.46 12.72
CA LYS B 45 3.18 11.83 14.03
C LYS B 45 4.41 12.71 14.04
N LEU B 46 5.05 12.95 12.90
CA LEU B 46 6.15 13.92 12.84
C LEU B 46 5.55 15.31 12.76
N GLU B 47 5.77 16.11 13.81
CA GLU B 47 5.11 17.41 13.91
C GLU B 47 6.12 18.55 13.93
N ALA B 48 5.89 19.59 14.74
CA ALA B 48 6.69 20.81 14.63
C ALA B 48 8.10 20.60 15.18
N GLY B 49 9.04 21.38 14.65
CA GLY B 49 10.38 21.47 15.18
C GLY B 49 11.41 20.90 14.21
N LYS B 50 12.66 20.92 14.65
CA LYS B 50 13.75 20.35 13.86
C LYS B 50 13.60 18.85 13.75
N PHE B 51 13.48 18.34 12.52
CA PHE B 51 12.97 16.98 12.37
C PHE B 51 14.03 15.93 12.66
N GLU B 52 15.31 16.25 12.40
CA GLU B 52 16.40 15.36 12.75
C GLU B 52 16.29 14.87 14.20
N ASP B 53 16.21 15.78 15.18
CA ASP B 53 16.11 15.35 16.56
C ASP B 53 14.81 14.61 16.82
N LYS B 54 13.72 15.08 16.22
CA LYS B 54 12.42 14.48 16.46
C LYS B 54 12.38 13.03 15.97
N LEU B 55 12.94 12.76 14.78
CA LEU B 55 12.90 11.41 14.25
C LEU B 55 13.72 10.45 15.13
N ILE B 56 14.97 10.81 15.40
CA ILE B 56 15.83 9.97 16.22
C ILE B 56 15.21 9.72 17.60
N GLN B 57 14.65 10.76 18.22
CA GLN B 57 14.01 10.55 19.52
C GLN B 57 12.81 9.62 19.39
N SER B 58 12.12 9.67 18.26
CA SER B 58 10.96 8.80 18.08
C SER B 58 11.36 7.35 17.92
N VAL B 59 12.44 7.08 17.17
CA VAL B 59 12.99 5.72 17.16
C VAL B 59 13.37 5.28 18.57
N MET B 60 14.09 6.14 19.30
CA MET B 60 14.49 5.83 20.67
C MET B 60 13.29 5.53 21.54
N GLY B 61 12.15 6.17 21.30
CA GLY B 61 11.00 6.04 22.17
C GLY B 61 10.21 4.75 22.00
N ALA B 62 10.34 4.08 20.84
CA ALA B 62 9.53 2.92 20.54
C ALA B 62 10.29 1.65 20.87
N ARG B 63 9.62 0.72 21.55
CA ARG B 63 10.23 -0.57 21.83
C ARG B 63 10.46 -1.37 20.56
N ASN B 64 9.56 -1.25 19.57
CA ASN B 64 9.58 -2.07 18.37
C ASN B 64 9.92 -1.20 17.17
N PHE B 65 10.78 -1.71 16.29
CA PHE B 65 11.22 -1.00 15.09
C PHE B 65 10.83 -1.84 13.88
N VAL B 66 9.78 -1.42 13.17
CA VAL B 66 9.25 -2.17 12.04
C VAL B 66 9.86 -1.58 10.77
N LEU B 67 10.60 -2.39 10.03
CA LEU B 67 11.37 -1.92 8.89
C LEU B 67 10.77 -2.51 7.64
N VAL B 68 10.24 -1.63 6.78
CA VAL B 68 9.57 -2.08 5.56
C VAL B 68 10.62 -2.24 4.46
N LEU B 69 10.95 -3.49 4.13
CA LEU B 69 11.91 -3.77 3.06
C LEU B 69 11.14 -4.02 1.77
N SER B 70 10.70 -2.94 1.15
CA SER B 70 10.26 -2.96 -0.23
C SER B 70 11.48 -3.10 -1.17
N PRO B 71 11.26 -3.38 -2.47
CA PRO B 71 12.41 -3.63 -3.36
C PRO B 71 13.36 -2.44 -3.41
N GLY B 72 14.64 -2.72 -3.23
CA GLY B 72 15.61 -1.64 -3.31
C GLY B 72 15.61 -0.68 -2.13
N ALA B 73 14.95 -1.04 -1.01
CA ALA B 73 14.75 -0.09 0.08
C ALA B 73 16.06 0.36 0.71
N LEU B 74 17.09 -0.48 0.71
CA LEU B 74 18.38 -0.12 1.29
C LEU B 74 19.35 0.47 0.27
N ASP B 75 18.92 0.65 -0.99
CA ASP B 75 19.84 1.11 -2.04
C ASP B 75 20.49 2.45 -1.70
N LYS B 76 19.73 3.39 -1.14
CA LYS B 76 20.32 4.69 -0.82
C LYS B 76 21.20 4.67 0.43
N CYS B 77 21.17 3.57 1.19
CA CYS B 77 22.07 3.44 2.32
C CYS B 77 23.48 3.08 1.88
N MET B 78 23.60 2.44 0.71
CA MET B 78 24.89 1.95 0.24
C MET B 78 25.81 3.14 -0.04
N GLN B 79 27.01 3.09 0.55
CA GLN B 79 28.02 4.15 0.48
C GLN B 79 27.60 5.44 1.18
N ASP B 80 26.51 5.43 1.95
CA ASP B 80 26.10 6.60 2.72
C ASP B 80 26.88 6.66 4.04
N HIS B 81 28.20 6.75 3.92
CA HIS B 81 29.02 6.73 5.13
C HIS B 81 29.00 8.05 5.87
N ASP B 82 28.64 9.15 5.20
CA ASP B 82 28.31 10.38 5.89
C ASP B 82 27.08 10.23 6.78
N CYS B 83 26.25 9.21 6.52
CA CYS B 83 25.01 8.94 7.25
C CYS B 83 23.97 10.04 7.02
N LYS B 84 23.79 10.40 5.76
CA LYS B 84 22.80 11.40 5.38
C LYS B 84 21.45 10.77 5.05
N ASP B 85 21.40 9.46 4.79
CA ASP B 85 20.16 8.82 4.39
C ASP B 85 19.29 8.53 5.59
N TRP B 86 18.00 8.86 5.48
CA TRP B 86 17.15 8.78 6.67
C TRP B 86 16.84 7.34 7.08
N VAL B 87 16.67 6.43 6.12
CA VAL B 87 16.47 5.03 6.51
C VAL B 87 17.74 4.52 7.19
N HIS B 88 18.90 4.93 6.69
CA HIS B 88 20.16 4.57 7.32
C HIS B 88 20.22 5.09 8.76
N LYS B 89 19.89 6.37 8.95
CA LYS B 89 19.90 6.95 10.30
C LYS B 89 18.93 6.19 11.22
N GLU B 90 17.73 5.86 10.74
CA GLU B 90 16.78 5.20 11.61
C GLU B 90 17.27 3.80 12.00
N ILE B 91 17.83 3.06 11.05
CA ILE B 91 18.31 1.71 11.37
C ILE B 91 19.46 1.77 12.37
N VAL B 92 20.43 2.67 12.14
CA VAL B 92 21.55 2.76 13.07
C VAL B 92 21.06 3.08 14.47
N THR B 93 20.11 4.02 14.60
CA THR B 93 19.54 4.31 15.91
C THR B 93 18.90 3.07 16.51
N ALA B 94 18.07 2.36 15.74
CA ALA B 94 17.40 1.18 16.27
C ALA B 94 18.42 0.13 16.73
N LEU B 95 19.44 -0.13 15.91
CA LEU B 95 20.48 -1.09 16.29
C LEU B 95 21.18 -0.62 17.56
N SER B 96 21.57 0.66 17.61
CA SER B 96 22.33 1.18 18.75
C SER B 96 21.56 1.07 20.05
N CYS B 97 20.24 1.27 20.00
CA CYS B 97 19.46 1.24 21.22
C CYS B 97 19.01 -0.16 21.57
N GLY B 98 19.40 -1.15 20.79
CA GLY B 98 19.01 -2.53 21.00
C GLY B 98 17.52 -2.79 20.83
N LYS B 99 16.90 -2.17 19.84
CA LYS B 99 15.46 -2.24 19.68
C LYS B 99 15.04 -3.63 19.19
N ASN B 100 13.77 -3.96 19.41
CA ASN B 100 13.18 -5.13 18.78
C ASN B 100 12.93 -4.81 17.31
N ILE B 101 13.85 -5.22 16.45
CA ILE B 101 13.80 -4.91 15.03
C ILE B 101 13.06 -6.02 14.30
N VAL B 102 12.07 -5.65 13.50
CA VAL B 102 11.22 -6.60 12.79
C VAL B 102 11.19 -6.21 11.31
N PRO B 103 12.01 -6.81 10.45
CA PRO B 103 11.96 -6.46 9.03
C PRO B 103 10.76 -7.10 8.37
N ILE B 104 10.11 -6.35 7.48
CA ILE B 104 8.98 -6.83 6.69
C ILE B 104 9.45 -6.89 5.24
N ILE B 105 9.49 -8.10 4.69
CA ILE B 105 10.05 -8.34 3.38
C ILE B 105 8.94 -8.25 2.36
N ASP B 106 9.09 -7.33 1.41
CA ASP B 106 8.10 -7.17 0.34
C ASP B 106 8.81 -7.10 -1.02
N GLY B 107 9.21 -8.26 -1.56
CA GLY B 107 9.99 -8.24 -2.78
C GLY B 107 11.42 -7.75 -2.62
N PHE B 108 11.93 -7.74 -1.40
CA PHE B 108 13.30 -7.36 -1.12
C PHE B 108 14.25 -8.49 -1.48
N GLU B 109 15.38 -8.14 -2.09
CA GLU B 109 16.47 -9.08 -2.30
C GLU B 109 17.50 -8.87 -1.22
N TRP B 110 17.96 -9.96 -0.63
CA TRP B 110 18.94 -9.85 0.44
C TRP B 110 20.28 -9.44 -0.15
N PRO B 111 20.88 -8.34 0.29
CA PRO B 111 22.18 -7.95 -0.25
C PRO B 111 23.31 -8.58 0.54
N GLU B 112 24.47 -8.65 -0.11
CA GLU B 112 25.67 -9.07 0.61
C GLU B 112 25.99 -8.02 1.66
N PRO B 113 26.34 -8.43 2.88
CA PRO B 113 26.55 -7.45 3.96
C PRO B 113 27.52 -6.34 3.60
N GLN B 114 28.58 -6.67 2.87
CA GLN B 114 29.66 -5.72 2.61
C GLN B 114 29.25 -4.55 1.71
N VAL B 115 28.10 -4.62 1.02
CA VAL B 115 27.65 -3.45 0.26
C VAL B 115 27.05 -2.38 1.17
N LEU B 116 26.76 -2.71 2.42
CA LEU B 116 26.13 -1.80 3.37
C LEU B 116 27.15 -1.20 4.32
N PRO B 117 26.97 0.05 4.73
CA PRO B 117 27.90 0.63 5.71
C PRO B 117 27.98 -0.22 6.96
N GLU B 118 29.15 -0.19 7.59
CA GLU B 118 29.42 -1.11 8.69
C GLU B 118 28.41 -0.93 9.82
N ASP B 119 28.01 0.31 10.12
CA ASP B 119 27.16 0.52 11.29
C ASP B 119 25.73 -0.01 11.11
N MET B 120 25.34 -0.47 9.92
CA MET B 120 24.00 -1.03 9.75
C MET B 120 23.98 -2.46 9.22
N GLN B 121 25.13 -3.12 9.06
CA GLN B 121 25.12 -4.48 8.52
C GLN B 121 24.39 -5.45 9.43
N ALA B 122 24.39 -5.20 10.74
CA ALA B 122 23.68 -6.10 11.65
C ALA B 122 22.17 -6.16 11.41
N VAL B 123 21.59 -5.27 10.59
CA VAL B 123 20.14 -5.33 10.40
C VAL B 123 19.76 -6.63 9.69
N LEU B 124 20.69 -7.18 8.88
CA LEU B 124 20.44 -8.41 8.14
C LEU B 124 20.43 -9.66 9.02
N THR B 125 20.78 -9.54 10.30
CA THR B 125 20.79 -10.69 11.18
C THR B 125 19.48 -10.87 11.94
N PHE B 126 18.48 -10.01 11.72
CA PHE B 126 17.19 -10.14 12.39
C PHE B 126 16.22 -10.95 11.55
N ASN B 127 15.41 -11.76 12.21
CA ASN B 127 14.46 -12.59 11.48
C ASN B 127 13.38 -11.71 10.87
N GLY B 128 13.17 -11.84 9.56
CA GLY B 128 12.15 -11.07 8.87
C GLY B 128 10.88 -11.82 8.50
N ILE B 129 9.81 -11.06 8.33
CA ILE B 129 8.48 -11.58 8.05
C ILE B 129 8.16 -11.31 6.58
N LYS B 130 7.78 -12.35 5.86
CA LYS B 130 7.42 -12.23 4.46
C LYS B 130 6.02 -11.64 4.34
N TRP B 131 5.89 -10.53 3.60
CA TRP B 131 4.57 -9.94 3.41
C TRP B 131 3.83 -10.70 2.31
N SER B 132 2.65 -11.24 2.64
CA SER B 132 1.88 -12.11 1.74
C SER B 132 0.61 -11.39 1.29
N HIS B 133 0.60 -10.96 0.03
CA HIS B 133 -0.60 -10.34 -0.54
C HIS B 133 -1.83 -11.23 -0.41
N GLU B 134 -1.66 -12.54 -0.58
CA GLU B 134 -2.81 -13.44 -0.55
C GLU B 134 -3.22 -13.89 0.85
N TYR B 135 -2.33 -13.75 1.85
CA TYR B 135 -2.65 -14.10 3.24
C TYR B 135 -2.27 -12.92 4.16
N GLN B 136 -2.89 -11.75 3.93
CA GLN B 136 -2.50 -10.54 4.67
C GLN B 136 -2.84 -10.64 6.16
N GLU B 137 -4.02 -11.14 6.52
CA GLU B 137 -4.40 -11.28 7.94
CA GLU B 137 -4.34 -11.20 7.94
C GLU B 137 -3.40 -12.16 8.67
N ALA B 138 -2.98 -13.25 8.03
CA ALA B 138 -2.00 -14.13 8.65
C ALA B 138 -0.66 -13.43 8.81
N THR B 139 -0.24 -12.65 7.80
CA THR B 139 0.98 -11.86 7.93
C THR B 139 0.89 -10.92 9.13
N ILE B 140 -0.24 -10.21 9.26
CA ILE B 140 -0.42 -9.27 10.36
C ILE B 140 -0.34 -10.00 11.70
N GLU B 141 -1.04 -11.14 11.80
CA GLU B 141 -1.02 -11.88 13.06
C GLU B 141 0.40 -12.29 13.44
N LYS B 142 1.22 -12.67 12.45
CA LYS B 142 2.62 -12.97 12.70
C LYS B 142 3.39 -11.75 13.20
N ILE B 143 3.20 -10.59 12.56
CA ILE B 143 3.88 -9.37 13.00
C ILE B 143 3.56 -9.10 14.47
N ILE B 144 2.31 -9.26 14.85
CA ILE B 144 1.92 -8.99 16.23
C ILE B 144 2.62 -9.94 17.20
N ARG B 145 2.77 -11.22 16.82
CA ARG B 145 3.51 -12.14 17.66
C ARG B 145 4.97 -11.70 17.83
N PHE B 146 5.52 -11.00 16.85
CA PHE B 146 6.90 -10.52 16.92
C PHE B 146 7.03 -9.29 17.80
N LEU B 147 5.97 -8.50 17.92
CA LEU B 147 6.07 -7.26 18.67
C LEU B 147 6.18 -7.55 20.18
N GLN B 148 6.66 -6.54 20.91
CA GLN B 148 6.75 -6.59 22.36
C GLN B 148 5.83 -5.55 23.03
#